data_2RH5
#
_entry.id   2RH5
#
_cell.length_a   106.681
_cell.length_b   157.596
_cell.length_c   84.707
_cell.angle_alpha   90.000
_cell.angle_beta   90.000
_cell.angle_gamma   90.000
#
_symmetry.space_group_name_H-M   'C 2 2 21'
#
loop_
_entity.id
_entity.type
_entity.pdbx_description
1 polymer 'Adenylate kinase'
2 water water
#
_entity_poly.entity_id   1
_entity_poly.type   'polypeptide(L)'
_entity_poly.pdbx_seq_one_letter_code
;MILVFLGPPGAGKGTQAKRLAKEKGFVHISTGDILREAVQKGTPLGKKAKEYMERGELVPDDLIIALIEEVFPKHGNVIF
DGFPRTVKQAEALDEMLEKKGLKVDHVLLFEVPDEVVIERLSGRRINPETGEVYHVKYNPPPPGVKVIQREDDKPEVIKK
RLEVYREQTAPLIEYYKKKGILRIIDASKPVEEVYRQVLEVIGDGN
;
_entity_poly.pdbx_strand_id   A,C,B
#
# COMPACT_ATOMS: atom_id res chain seq x y z
N MET A 1 -29.98 -10.66 -23.25
CA MET A 1 -28.63 -10.52 -23.83
C MET A 1 -28.13 -9.07 -23.76
N ILE A 2 -26.82 -8.91 -23.87
CA ILE A 2 -26.23 -7.60 -23.72
C ILE A 2 -25.53 -7.18 -25.00
N LEU A 3 -25.86 -5.98 -25.47
CA LEU A 3 -25.27 -5.47 -26.68
C LEU A 3 -24.60 -4.14 -26.40
N VAL A 4 -23.50 -3.91 -27.13
CA VAL A 4 -22.81 -2.62 -27.14
C VAL A 4 -22.89 -2.13 -28.57
N PHE A 5 -23.22 -0.85 -28.75
CA PHE A 5 -23.31 -0.23 -30.06
C PHE A 5 -22.31 0.89 -30.10
N LEU A 6 -21.36 0.83 -31.02
CA LEU A 6 -20.33 1.84 -31.13
C LEU A 6 -20.35 2.37 -32.54
N GLY A 7 -19.91 3.62 -32.71
CA GLY A 7 -19.82 4.26 -34.02
C GLY A 7 -19.56 5.74 -33.83
N PRO A 8 -19.05 6.41 -34.87
CA PRO A 8 -18.83 7.85 -34.70
C PRO A 8 -20.15 8.63 -34.80
N PRO A 9 -20.14 9.92 -34.45
CA PRO A 9 -21.36 10.69 -34.67
C PRO A 9 -21.65 10.78 -36.18
N GLY A 10 -22.94 10.75 -36.55
CA GLY A 10 -23.30 10.71 -37.95
C GLY A 10 -23.63 9.30 -38.41
N ALA A 11 -23.35 8.30 -37.59
CA ALA A 11 -23.53 6.89 -37.97
C ALA A 11 -24.97 6.39 -37.81
N GLY A 12 -25.76 7.05 -36.96
CA GLY A 12 -27.16 6.73 -36.77
C GLY A 12 -27.38 5.56 -35.86
N LYS A 13 -26.41 5.25 -35.02
CA LYS A 13 -26.48 4.07 -34.20
C LYS A 13 -27.62 4.05 -33.17
N GLY A 14 -27.98 5.24 -32.66
CA GLY A 14 -29.03 5.36 -31.62
C GLY A 14 -30.42 5.13 -32.16
N THR A 15 -30.65 5.50 -33.42
CA THR A 15 -31.91 5.19 -34.07
C THR A 15 -32.10 3.66 -34.13
N GLN A 16 -31.02 2.96 -34.45
CA GLN A 16 -31.04 1.49 -34.50
C GLN A 16 -31.23 0.89 -33.12
N ALA A 17 -30.56 1.47 -32.13
CA ALA A 17 -30.68 1.08 -30.73
C ALA A 17 -32.11 1.19 -30.21
N LYS A 18 -32.78 2.32 -30.49
CA LYS A 18 -34.10 2.54 -29.96
C LYS A 18 -35.14 1.63 -30.60
N ARG A 19 -34.97 1.33 -31.88
CA ARG A 19 -35.92 0.49 -32.57
C ARG A 19 -35.82 -0.95 -32.03
N LEU A 20 -34.59 -1.44 -31.88
CA LEU A 20 -34.36 -2.79 -31.40
C LEU A 20 -34.87 -2.94 -29.98
N ALA A 21 -34.61 -1.93 -29.16
CA ALA A 21 -35.07 -1.89 -27.78
C ALA A 21 -36.59 -2.08 -27.69
N LYS A 22 -37.29 -1.40 -28.57
CA LYS A 22 -38.75 -1.40 -28.65
C LYS A 22 -39.32 -2.72 -29.15
N GLU A 23 -38.68 -3.30 -30.14
CA GLU A 23 -39.21 -4.52 -30.75
C GLU A 23 -38.88 -5.75 -29.93
N LYS A 24 -37.71 -5.74 -29.29
CA LYS A 24 -37.21 -6.90 -28.57
C LYS A 24 -37.34 -6.83 -27.05
N GLY A 25 -37.49 -5.64 -26.49
CA GLY A 25 -37.70 -5.50 -25.06
C GLY A 25 -36.39 -5.38 -24.31
N PHE A 26 -35.51 -4.50 -24.79
CA PHE A 26 -34.25 -4.20 -24.13
C PHE A 26 -34.38 -2.88 -23.39
N VAL A 27 -33.56 -2.68 -22.36
CA VAL A 27 -33.38 -1.35 -21.80
C VAL A 27 -32.23 -0.66 -22.54
N HIS A 28 -32.53 0.50 -23.11
CA HIS A 28 -31.56 1.34 -23.80
C HIS A 28 -30.82 2.16 -22.75
N ILE A 29 -29.50 2.05 -22.70
CA ILE A 29 -28.74 2.76 -21.67
C ILE A 29 -27.73 3.75 -22.24
N SER A 30 -27.91 5.02 -21.88
CA SER A 30 -26.92 6.06 -22.19
C SER A 30 -26.37 6.49 -20.86
N THR A 31 -25.06 6.36 -20.67
CA THR A 31 -24.46 6.74 -19.40
C THR A 31 -24.70 8.22 -19.04
N GLY A 32 -24.81 9.08 -20.03
CA GLY A 32 -25.18 10.48 -19.78
C GLY A 32 -26.43 10.58 -18.91
N ASP A 33 -27.45 9.77 -19.20
CA ASP A 33 -28.72 9.78 -18.46
C ASP A 33 -28.61 9.37 -17.03
N ILE A 34 -27.89 8.28 -16.79
CA ILE A 34 -27.76 7.68 -15.47
C ILE A 34 -26.95 8.60 -14.58
N LEU A 35 -25.94 9.23 -15.16
CA LEU A 35 -25.08 10.13 -14.41
C LEU A 35 -25.89 11.36 -14.02
N ARG A 36 -26.54 11.97 -15.01
CA ARG A 36 -27.34 13.15 -14.78
C ARG A 36 -28.38 12.93 -13.66
N GLU A 37 -29.07 11.81 -13.68
CA GLU A 37 -30.07 11.48 -12.67
C GLU A 37 -29.50 11.35 -11.28
N ALA A 38 -28.37 10.63 -11.14
CA ALA A 38 -27.76 10.42 -9.85
C ALA A 38 -27.28 11.77 -9.26
N VAL A 39 -26.68 12.62 -10.09
CA VAL A 39 -26.18 13.91 -9.63
C VAL A 39 -27.33 14.81 -9.17
N GLN A 40 -28.44 14.75 -9.90
CA GLN A 40 -29.63 15.54 -9.58
C GLN A 40 -30.35 15.05 -8.29
N LYS A 41 -30.40 13.74 -8.10
CA LYS A 41 -31.04 13.16 -6.91
C LYS A 41 -30.15 13.34 -5.68
N GLY A 42 -28.85 13.45 -5.89
CA GLY A 42 -27.91 13.61 -4.79
C GLY A 42 -27.67 12.33 -4.01
N THR A 43 -27.74 11.20 -4.70
CA THR A 43 -27.33 9.92 -4.14
C THR A 43 -25.86 9.99 -3.77
N PRO A 44 -25.38 9.07 -2.90
CA PRO A 44 -23.94 9.08 -2.55
C PRO A 44 -22.96 9.10 -3.74
N LEU A 45 -23.18 8.28 -4.76
CA LEU A 45 -22.31 8.31 -5.95
C LEU A 45 -22.59 9.55 -6.79
N GLY A 46 -23.86 9.95 -6.87
CA GLY A 46 -24.18 11.23 -7.48
C GLY A 46 -23.36 12.39 -6.89
N LYS A 47 -23.29 12.46 -5.57
CA LYS A 47 -22.52 13.51 -4.89
C LYS A 47 -21.03 13.43 -5.24
N LYS A 48 -20.46 12.22 -5.21
CA LYS A 48 -19.05 12.02 -5.53
C LYS A 48 -18.70 12.36 -6.96
N ALA A 49 -19.55 11.97 -7.90
CA ALA A 49 -19.34 12.28 -9.30
C ALA A 49 -19.34 13.80 -9.47
N LYS A 50 -20.24 14.47 -8.75
CA LYS A 50 -20.40 15.92 -8.81
C LYS A 50 -19.15 16.70 -8.41
N GLU A 51 -18.51 16.34 -7.29
CA GLU A 51 -17.26 17.00 -6.86
C GLU A 51 -16.20 16.97 -7.96
N TYR A 52 -16.12 15.85 -8.68
CA TYR A 52 -15.17 15.72 -9.78
C TYR A 52 -15.42 16.69 -10.90
N MET A 53 -16.67 16.82 -11.33
CA MET A 53 -16.99 17.74 -12.42
C MET A 53 -16.73 19.19 -12.03
N GLU A 54 -17.03 19.53 -10.78
CA GLU A 54 -16.86 20.90 -10.30
C GLU A 54 -15.41 21.36 -10.36
N ARG A 55 -14.46 20.46 -10.10
CA ARG A 55 -13.03 20.76 -10.12
C ARG A 55 -12.46 20.91 -11.52
N GLY A 56 -13.16 20.37 -12.51
CA GLY A 56 -12.67 20.31 -13.90
C GLY A 56 -12.05 18.96 -14.25
N GLU A 57 -12.40 17.93 -13.50
CA GLU A 57 -11.90 16.60 -13.77
C GLU A 57 -12.98 15.77 -14.45
N LEU A 58 -12.56 14.71 -15.14
CA LEU A 58 -13.47 13.70 -15.60
C LEU A 58 -13.96 12.88 -14.43
N VAL A 59 -15.21 12.43 -14.50
CA VAL A 59 -15.71 11.44 -13.55
C VAL A 59 -14.91 10.13 -13.70
N PRO A 60 -14.33 9.61 -12.59
CA PRO A 60 -13.49 8.41 -12.73
C PRO A 60 -14.28 7.25 -13.28
N ASP A 61 -13.62 6.32 -13.96
CA ASP A 61 -14.29 5.17 -14.58
C ASP A 61 -15.05 4.33 -13.56
N ASP A 62 -14.40 3.98 -12.46
CA ASP A 62 -15.05 3.13 -11.46
C ASP A 62 -16.34 3.74 -10.91
N LEU A 63 -16.47 5.06 -10.99
CA LEU A 63 -17.73 5.71 -10.59
C LEU A 63 -18.84 5.45 -11.61
N ILE A 64 -18.56 5.69 -12.90
CA ILE A 64 -19.52 5.39 -13.94
C ILE A 64 -19.95 3.93 -13.87
N ILE A 65 -19.01 3.03 -13.62
CA ILE A 65 -19.36 1.61 -13.55
C ILE A 65 -20.35 1.36 -12.42
N ALA A 66 -20.04 1.94 -11.26
CA ALA A 66 -20.88 1.78 -10.08
C ALA A 66 -22.28 2.39 -10.28
N LEU A 67 -22.36 3.46 -11.07
CA LEU A 67 -23.64 4.08 -11.35
C LEU A 67 -24.50 3.15 -12.21
N ILE A 68 -23.87 2.54 -13.22
CA ILE A 68 -24.52 1.58 -14.07
C ILE A 68 -24.99 0.36 -13.25
N GLU A 69 -24.10 -0.16 -12.40
CA GLU A 69 -24.42 -1.35 -11.62
C GLU A 69 -25.63 -1.09 -10.73
N GLU A 70 -25.78 0.15 -10.28
CA GLU A 70 -26.90 0.52 -9.44
C GLU A 70 -28.28 0.31 -10.12
N VAL A 71 -28.48 0.94 -11.28
CA VAL A 71 -29.79 0.93 -11.96
C VAL A 71 -29.96 -0.17 -13.01
N PHE A 72 -29.08 -1.17 -12.95
CA PHE A 72 -29.02 -2.24 -13.93
C PHE A 72 -30.25 -3.12 -13.82
N PRO A 73 -30.92 -3.37 -14.94
CA PRO A 73 -32.17 -4.12 -14.90
C PRO A 73 -31.93 -5.55 -14.48
N LYS A 74 -32.81 -6.07 -13.62
CA LYS A 74 -32.71 -7.46 -13.20
C LYS A 74 -32.76 -8.52 -14.32
N HIS A 75 -33.55 -8.27 -15.37
CA HIS A 75 -33.64 -9.27 -16.46
C HIS A 75 -32.36 -9.36 -17.29
N GLY A 76 -31.49 -8.37 -17.14
CA GLY A 76 -30.19 -8.34 -17.81
C GLY A 76 -30.20 -8.12 -19.32
N ASN A 77 -31.35 -7.73 -19.89
CA ASN A 77 -31.39 -7.33 -21.32
C ASN A 77 -31.18 -5.84 -21.54
N VAL A 78 -29.97 -5.47 -21.92
CA VAL A 78 -29.67 -4.07 -22.15
C VAL A 78 -28.89 -3.83 -23.44
N ILE A 79 -29.05 -2.62 -23.98
CA ILE A 79 -28.20 -2.12 -25.03
C ILE A 79 -27.42 -0.92 -24.48
N PHE A 80 -26.08 -1.05 -24.42
CA PHE A 80 -25.17 0.06 -24.20
C PHE A 80 -24.96 0.83 -25.50
N ASP A 81 -25.30 2.11 -25.48
CA ASP A 81 -25.25 2.96 -26.68
C ASP A 81 -24.12 3.97 -26.57
N GLY A 82 -22.98 3.68 -27.21
CA GLY A 82 -21.81 4.59 -27.11
C GLY A 82 -20.98 4.44 -25.84
N PHE A 83 -21.15 3.34 -25.11
CA PHE A 83 -20.31 3.05 -23.96
C PHE A 83 -19.98 1.53 -24.00
N PRO A 84 -18.75 1.13 -23.65
CA PRO A 84 -17.57 1.81 -23.14
C PRO A 84 -16.98 2.76 -24.17
N ARG A 85 -16.14 3.67 -23.72
CA ARG A 85 -15.51 4.61 -24.61
C ARG A 85 -14.03 4.27 -24.74
N THR A 86 -13.50 3.60 -23.71
CA THR A 86 -12.08 3.22 -23.66
C THR A 86 -11.95 1.73 -23.34
N VAL A 87 -10.75 1.20 -23.54
CA VAL A 87 -10.40 -0.16 -23.16
C VAL A 87 -10.59 -0.32 -21.66
N LYS A 88 -10.16 0.69 -20.90
CA LYS A 88 -10.22 0.64 -19.44
C LYS A 88 -11.66 0.42 -19.00
N GLN A 89 -12.58 1.17 -19.61
CA GLN A 89 -14.00 1.01 -19.33
C GLN A 89 -14.50 -0.39 -19.71
N ALA A 90 -14.17 -0.82 -20.92
CA ALA A 90 -14.46 -2.19 -21.36
C ALA A 90 -14.04 -3.26 -20.33
N GLU A 91 -12.81 -3.20 -19.82
CA GLU A 91 -12.35 -4.14 -18.80
C GLU A 91 -13.20 -4.07 -17.53
N ALA A 92 -13.45 -2.86 -17.03
CA ALA A 92 -14.22 -2.71 -15.79
C ALA A 92 -15.68 -3.14 -15.96
N LEU A 93 -16.28 -2.83 -17.12
CA LEU A 93 -17.62 -3.29 -17.47
C LEU A 93 -17.72 -4.82 -17.47
N ASP A 94 -16.83 -5.48 -18.22
CA ASP A 94 -16.71 -6.95 -18.20
C ASP A 94 -16.66 -7.52 -16.81
N GLU A 95 -15.84 -6.91 -15.96
CA GLU A 95 -15.65 -7.38 -14.59
C GLU A 95 -16.92 -7.30 -13.77
N MET A 96 -17.60 -6.16 -13.81
CA MET A 96 -18.82 -6.02 -13.02
C MET A 96 -19.95 -6.91 -13.55
N LEU A 97 -19.94 -7.17 -14.85
CA LEU A 97 -20.96 -8.06 -15.44
C LEU A 97 -20.80 -9.50 -15.02
N GLU A 98 -19.59 -10.05 -15.13
CA GLU A 98 -19.37 -11.43 -14.75
C GLU A 98 -19.62 -11.68 -13.25
N LYS A 99 -19.54 -10.61 -12.44
CA LYS A 99 -19.95 -10.62 -11.03
C LYS A 99 -21.44 -10.97 -10.88
N LYS A 100 -22.17 -10.85 -11.98
CA LYS A 100 -23.56 -11.26 -12.04
C LYS A 100 -23.74 -12.49 -12.90
N GLY A 101 -22.63 -13.12 -13.27
CA GLY A 101 -22.63 -14.24 -14.21
C GLY A 101 -23.27 -13.88 -15.54
N LEU A 102 -22.87 -12.74 -16.10
CA LEU A 102 -23.37 -12.27 -17.37
C LEU A 102 -22.20 -11.75 -18.21
N LYS A 103 -22.43 -11.57 -19.51
CA LYS A 103 -21.35 -11.12 -20.40
C LYS A 103 -21.85 -10.24 -21.53
N VAL A 104 -20.95 -9.56 -22.23
CA VAL A 104 -21.33 -8.89 -23.48
C VAL A 104 -21.44 -9.95 -24.59
N ASP A 105 -22.60 -10.06 -25.21
CA ASP A 105 -22.83 -11.06 -26.25
C ASP A 105 -22.38 -10.57 -27.61
N HIS A 106 -22.70 -9.32 -27.94
CA HIS A 106 -22.30 -8.76 -29.22
C HIS A 106 -21.93 -7.31 -29.07
N VAL A 107 -20.93 -6.91 -29.83
CA VAL A 107 -20.55 -5.52 -29.97
C VAL A 107 -20.74 -5.18 -31.41
N LEU A 108 -21.60 -4.22 -31.68
CA LEU A 108 -21.88 -3.85 -33.05
C LEU A 108 -21.13 -2.58 -33.38
N LEU A 109 -20.18 -2.69 -34.31
CA LEU A 109 -19.48 -1.54 -34.77
C LEU A 109 -20.14 -0.99 -36.04
N PHE A 110 -20.72 0.21 -35.92
CA PHE A 110 -21.35 0.88 -37.06
C PHE A 110 -20.34 1.66 -37.92
N GLU A 111 -19.88 1.06 -39.02
CA GLU A 111 -18.85 1.66 -39.89
C GLU A 111 -19.49 2.47 -41.01
N VAL A 112 -18.90 3.62 -41.31
CA VAL A 112 -19.45 4.57 -42.27
C VAL A 112 -18.28 5.41 -42.76
N PRO A 113 -18.11 5.56 -44.08
CA PRO A 113 -16.97 6.32 -44.57
C PRO A 113 -16.91 7.78 -44.10
N ASP A 114 -15.74 8.20 -43.62
CA ASP A 114 -15.44 9.60 -43.33
C ASP A 114 -16.14 10.58 -44.30
N GLU A 115 -16.01 10.34 -45.60
CA GLU A 115 -16.66 11.17 -46.61
C GLU A 115 -18.16 11.40 -46.29
N VAL A 116 -18.87 10.33 -45.92
CA VAL A 116 -20.30 10.39 -45.59
C VAL A 116 -20.57 11.12 -44.26
N VAL A 117 -19.73 10.90 -43.25
CA VAL A 117 -19.88 11.59 -42.00
C VAL A 117 -19.68 13.09 -42.22
N ILE A 118 -18.63 13.46 -42.95
CA ILE A 118 -18.40 14.86 -43.23
C ILE A 118 -19.59 15.52 -43.93
N GLU A 119 -20.13 14.85 -44.95
CA GLU A 119 -21.29 15.35 -45.66
C GLU A 119 -22.51 15.53 -44.72
N ARG A 120 -22.70 14.57 -43.81
CA ARG A 120 -23.85 14.62 -42.90
C ARG A 120 -23.74 15.73 -41.89
N LEU A 121 -22.60 15.76 -41.18
CA LEU A 121 -22.36 16.75 -40.14
C LEU A 121 -22.07 18.18 -40.67
N SER A 122 -21.20 18.31 -41.67
CA SER A 122 -20.77 19.65 -42.15
C SER A 122 -21.91 20.43 -42.82
N GLY A 123 -22.90 19.69 -43.32
CA GLY A 123 -24.02 20.26 -44.04
C GLY A 123 -24.99 21.00 -43.16
N ARG A 124 -24.81 20.90 -41.84
CA ARG A 124 -25.78 21.46 -40.93
C ARG A 124 -25.75 22.97 -40.84
N ARG A 125 -26.93 23.57 -40.89
CA ARG A 125 -27.07 24.99 -40.68
C ARG A 125 -28.02 25.23 -39.54
N ILE A 126 -27.81 26.32 -38.80
CA ILE A 126 -28.67 26.68 -37.68
C ILE A 126 -29.27 28.06 -37.84
N ASN A 127 -30.58 28.16 -37.67
CA ASN A 127 -31.22 29.45 -37.41
C ASN A 127 -30.86 29.85 -35.98
N PRO A 128 -30.10 30.93 -35.79
CA PRO A 128 -29.80 31.29 -34.40
C PRO A 128 -30.95 32.06 -33.72
N GLU A 129 -32.05 32.28 -34.43
CA GLU A 129 -33.22 33.02 -33.90
C GLU A 129 -34.37 32.06 -33.53
N THR A 130 -34.06 30.76 -33.51
CA THR A 130 -34.93 29.71 -32.96
C THR A 130 -34.02 28.60 -32.40
N GLY A 131 -33.03 28.24 -33.20
CA GLY A 131 -32.14 27.12 -32.88
C GLY A 131 -32.51 25.92 -33.73
N GLU A 132 -33.53 26.13 -34.57
CA GLU A 132 -34.04 25.11 -35.48
C GLU A 132 -33.03 24.75 -36.58
N VAL A 133 -32.71 23.45 -36.66
CA VAL A 133 -31.66 22.92 -37.52
C VAL A 133 -32.09 22.61 -38.97
N TYR A 134 -31.20 22.88 -39.92
CA TYR A 134 -31.40 22.57 -41.32
C TYR A 134 -30.16 21.91 -41.89
N HIS A 135 -30.22 21.55 -43.16
CA HIS A 135 -29.08 20.94 -43.84
C HIS A 135 -29.09 21.43 -45.28
N VAL A 136 -28.01 22.09 -45.71
CA VAL A 136 -27.87 22.65 -47.05
C VAL A 136 -28.26 21.65 -48.14
N LYS A 137 -27.92 20.37 -47.94
CA LYS A 137 -28.25 19.35 -48.91
C LYS A 137 -29.57 18.59 -48.60
N TYR A 138 -29.79 18.21 -47.33
CA TYR A 138 -30.91 17.30 -47.02
C TYR A 138 -32.23 18.00 -46.76
N ASN A 139 -32.16 19.17 -46.15
CA ASN A 139 -33.32 19.90 -45.69
C ASN A 139 -32.90 21.39 -45.69
N PRO A 140 -32.88 22.02 -46.88
CA PRO A 140 -32.40 23.40 -46.99
C PRO A 140 -33.35 24.41 -46.35
N PRO A 141 -32.81 25.50 -45.80
CA PRO A 141 -33.70 26.49 -45.21
C PRO A 141 -34.38 27.30 -46.35
N PRO A 142 -35.49 28.01 -46.04
CA PRO A 142 -36.02 28.92 -47.08
C PRO A 142 -34.97 29.94 -47.54
N PRO A 143 -34.87 30.21 -48.87
CA PRO A 143 -33.98 31.31 -49.26
C PRO A 143 -34.52 32.55 -48.55
N GLY A 144 -33.73 33.16 -47.69
CA GLY A 144 -34.27 34.27 -46.91
C GLY A 144 -34.10 34.11 -45.42
N VAL A 145 -34.38 32.93 -44.89
CA VAL A 145 -34.14 32.73 -43.46
C VAL A 145 -32.63 32.73 -43.17
N LYS A 146 -32.23 33.53 -42.18
CA LYS A 146 -30.84 33.68 -41.78
C LYS A 146 -30.35 32.42 -41.08
N VAL A 147 -29.25 31.88 -41.58
CA VAL A 147 -28.72 30.65 -41.05
C VAL A 147 -27.19 30.74 -40.97
N ILE A 148 -26.58 30.01 -40.05
CA ILE A 148 -25.12 30.04 -39.90
C ILE A 148 -24.59 28.62 -39.90
N GLN A 149 -23.27 28.47 -40.01
CA GLN A 149 -22.69 27.13 -39.88
C GLN A 149 -21.82 27.10 -38.63
N ARG A 150 -22.23 26.34 -37.63
CA ARG A 150 -21.42 26.19 -36.43
C ARG A 150 -19.97 25.90 -36.79
N GLU A 151 -19.05 26.54 -36.08
CA GLU A 151 -17.61 26.33 -36.24
C GLU A 151 -17.25 24.85 -36.25
N ASP A 152 -17.97 24.05 -35.46
CA ASP A 152 -17.66 22.63 -35.27
C ASP A 152 -18.03 21.79 -36.47
N ASP A 153 -18.92 22.33 -37.31
CA ASP A 153 -19.40 21.56 -38.44
C ASP A 153 -18.57 21.85 -39.68
N LYS A 154 -17.47 22.59 -39.52
CA LYS A 154 -16.60 22.85 -40.66
C LYS A 154 -15.80 21.59 -40.96
N PRO A 155 -15.71 21.20 -42.25
CA PRO A 155 -15.09 19.91 -42.62
C PRO A 155 -13.74 19.65 -41.95
N GLU A 156 -12.95 20.72 -41.79
CA GLU A 156 -11.66 20.70 -41.09
C GLU A 156 -11.76 20.10 -39.71
N VAL A 157 -12.72 20.62 -38.92
CA VAL A 157 -12.88 20.24 -37.52
C VAL A 157 -13.41 18.82 -37.43
N ILE A 158 -14.42 18.50 -38.23
CA ILE A 158 -14.97 17.15 -38.27
C ILE A 158 -13.85 16.14 -38.58
N LYS A 159 -13.08 16.41 -39.62
CA LYS A 159 -11.88 15.61 -39.92
C LYS A 159 -11.02 15.37 -38.69
N LYS A 160 -10.67 16.44 -37.98
CA LYS A 160 -9.94 16.33 -36.72
C LYS A 160 -10.69 15.42 -35.74
N ARG A 161 -12.01 15.54 -35.73
CA ARG A 161 -12.84 14.87 -34.73
C ARG A 161 -12.91 13.35 -34.95
N LEU A 162 -12.92 12.93 -36.21
CA LEU A 162 -12.92 11.50 -36.53
C LEU A 162 -11.58 10.87 -36.15
N GLU A 163 -10.55 11.64 -36.36
CA GLU A 163 -9.18 11.25 -36.08
C GLU A 163 -9.04 10.98 -34.58
N VAL A 164 -9.62 11.85 -33.76
CA VAL A 164 -9.58 11.67 -32.31
C VAL A 164 -10.44 10.48 -31.91
N TYR A 165 -11.61 10.37 -32.54
CA TYR A 165 -12.48 9.26 -32.26
C TYR A 165 -11.79 7.92 -32.53
N ARG A 166 -11.01 7.86 -33.61
CA ARG A 166 -10.36 6.61 -33.98
C ARG A 166 -9.21 6.26 -33.06
N GLU A 167 -8.47 7.27 -32.62
CA GLU A 167 -7.33 7.09 -31.73
C GLU A 167 -7.77 6.45 -30.44
N GLN A 168 -8.93 6.91 -29.97
CA GLN A 168 -9.51 6.48 -28.72
C GLN A 168 -10.17 5.11 -28.87
N THR A 169 -10.78 4.86 -30.03
CA THR A 169 -11.61 3.67 -30.23
C THR A 169 -10.86 2.44 -30.78
N ALA A 170 -9.87 2.64 -31.64
CA ALA A 170 -9.04 1.52 -32.15
C ALA A 170 -8.71 0.44 -31.10
N PRO A 171 -8.14 0.82 -29.95
CA PRO A 171 -7.80 -0.24 -28.98
C PRO A 171 -9.02 -0.94 -28.40
N LEU A 172 -10.16 -0.26 -28.34
CA LEU A 172 -11.43 -0.82 -27.88
C LEU A 172 -11.86 -1.88 -28.87
N ILE A 173 -11.88 -1.50 -30.14
CA ILE A 173 -12.23 -2.39 -31.22
C ILE A 173 -11.37 -3.66 -31.15
N GLU A 174 -10.06 -3.51 -31.00
CA GLU A 174 -9.11 -4.64 -30.99
C GLU A 174 -9.32 -5.59 -29.82
N TYR A 175 -9.74 -5.02 -28.70
CA TYR A 175 -10.04 -5.75 -27.48
C TYR A 175 -11.23 -6.67 -27.71
N TYR A 176 -12.26 -6.15 -28.37
CA TYR A 176 -13.45 -6.95 -28.64
C TYR A 176 -13.23 -7.95 -29.78
N LYS A 177 -12.43 -7.56 -30.77
CA LYS A 177 -11.96 -8.47 -31.81
C LYS A 177 -11.28 -9.68 -31.21
N LYS A 178 -10.46 -9.45 -30.17
CA LYS A 178 -9.73 -10.52 -29.49
C LYS A 178 -10.66 -11.52 -28.78
N LYS A 179 -11.86 -11.07 -28.43
CA LYS A 179 -12.82 -11.92 -27.72
C LYS A 179 -13.77 -12.63 -28.68
N GLY A 180 -13.70 -12.27 -29.95
CA GLY A 180 -14.57 -12.84 -30.98
C GLY A 180 -15.99 -12.34 -30.98
N ILE A 181 -16.23 -11.15 -30.41
CA ILE A 181 -17.61 -10.62 -30.27
C ILE A 181 -17.95 -9.37 -31.10
N LEU A 182 -16.98 -8.86 -31.85
CA LEU A 182 -17.17 -7.66 -32.66
C LEU A 182 -17.88 -7.97 -33.99
N ARG A 183 -19.04 -7.38 -34.21
CA ARG A 183 -19.69 -7.54 -35.51
C ARG A 183 -19.61 -6.21 -36.23
N ILE A 184 -19.22 -6.24 -37.48
CA ILE A 184 -19.14 -5.02 -38.27
C ILE A 184 -20.48 -4.80 -38.96
N ILE A 185 -21.06 -3.62 -38.81
CA ILE A 185 -22.26 -3.22 -39.53
C ILE A 185 -21.89 -2.18 -40.58
N ASP A 186 -22.35 -2.35 -41.81
CA ASP A 186 -22.17 -1.30 -42.82
C ASP A 186 -23.30 -0.26 -42.72
N ALA A 187 -23.01 0.84 -42.03
CA ALA A 187 -24.03 1.83 -41.75
C ALA A 187 -24.21 2.85 -42.86
N SER A 188 -23.51 2.66 -43.97
CA SER A 188 -23.66 3.56 -45.11
C SER A 188 -24.93 3.29 -45.86
N LYS A 189 -25.62 2.21 -45.48
CA LYS A 189 -26.75 1.69 -46.21
C LYS A 189 -28.05 2.41 -45.83
N PRO A 190 -29.13 2.23 -46.64
CA PRO A 190 -30.44 2.71 -46.18
C PRO A 190 -30.83 2.14 -44.80
N VAL A 191 -31.63 2.91 -44.04
CA VAL A 191 -31.95 2.58 -42.64
C VAL A 191 -32.55 1.19 -42.47
N GLU A 192 -33.42 0.79 -43.39
CA GLU A 192 -34.07 -0.51 -43.28
C GLU A 192 -33.07 -1.66 -43.47
N GLU A 193 -32.08 -1.44 -44.34
CA GLU A 193 -31.02 -2.42 -44.58
C GLU A 193 -30.01 -2.46 -43.43
N VAL A 194 -29.81 -1.34 -42.71
CA VAL A 194 -28.94 -1.36 -41.55
C VAL A 194 -29.57 -2.20 -40.44
N TYR A 195 -30.87 -1.97 -40.23
CA TYR A 195 -31.63 -2.73 -39.26
C TYR A 195 -31.61 -4.22 -39.60
N ARG A 196 -31.62 -4.55 -40.89
CA ARG A 196 -31.49 -5.94 -41.32
C ARG A 196 -30.20 -6.59 -40.86
N GLN A 197 -29.09 -5.86 -40.96
CA GLN A 197 -27.80 -6.39 -40.53
C GLN A 197 -27.78 -6.64 -39.03
N VAL A 198 -28.36 -5.73 -38.26
CA VAL A 198 -28.38 -5.85 -36.81
C VAL A 198 -29.17 -7.11 -36.43
N LEU A 199 -30.36 -7.26 -36.99
CA LEU A 199 -31.20 -8.44 -36.75
C LEU A 199 -30.49 -9.73 -37.14
N GLU A 200 -29.73 -9.68 -38.22
CA GLU A 200 -29.00 -10.86 -38.66
C GLU A 200 -27.94 -11.27 -37.64
N VAL A 201 -27.29 -10.32 -37.03
CA VAL A 201 -26.18 -10.70 -36.17
C VAL A 201 -26.62 -11.20 -34.80
N ILE A 202 -27.89 -11.01 -34.45
CA ILE A 202 -28.39 -11.32 -33.09
C ILE A 202 -29.34 -12.54 -33.01
N MET B 1 -6.65 -26.20 14.61
CA MET B 1 -5.89 -25.48 15.68
C MET B 1 -4.83 -24.54 15.12
N ILE B 2 -4.36 -23.66 16.00
CA ILE B 2 -3.40 -22.63 15.64
C ILE B 2 -2.12 -22.81 16.44
N LEU B 3 -1.02 -23.00 15.73
CA LEU B 3 0.26 -23.20 16.36
C LEU B 3 1.18 -22.05 16.03
N VAL B 4 2.04 -21.69 16.98
CA VAL B 4 3.02 -20.65 16.75
C VAL B 4 4.36 -21.29 17.02
N PHE B 5 5.25 -21.22 16.03
CA PHE B 5 6.60 -21.76 16.21
C PHE B 5 7.54 -20.59 16.41
N LEU B 6 8.24 -20.58 17.53
CA LEU B 6 9.27 -19.58 17.78
C LEU B 6 10.64 -20.21 17.95
N GLY B 7 11.67 -19.46 17.54
CA GLY B 7 13.05 -19.88 17.73
C GLY B 7 14.01 -19.02 16.93
N PRO B 8 15.29 -18.98 17.35
CA PRO B 8 16.26 -18.22 16.57
C PRO B 8 16.51 -18.87 15.21
N PRO B 9 17.03 -18.11 14.23
CA PRO B 9 17.43 -18.77 12.99
C PRO B 9 18.42 -19.87 13.32
N GLY B 10 18.41 -20.97 12.58
CA GLY B 10 19.28 -22.10 12.89
C GLY B 10 18.64 -23.15 13.78
N ALA B 11 17.52 -22.82 14.40
CA ALA B 11 16.75 -23.76 15.22
C ALA B 11 16.11 -24.83 14.35
N GLY B 12 15.77 -24.46 13.12
CA GLY B 12 15.18 -25.39 12.17
C GLY B 12 13.67 -25.41 12.29
N LYS B 13 13.09 -24.35 12.84
CA LYS B 13 11.65 -24.34 13.06
C LYS B 13 10.83 -24.39 11.76
N GLY B 14 11.35 -23.74 10.72
CA GLY B 14 10.74 -23.69 9.39
C GLY B 14 10.51 -25.03 8.71
N THR B 15 11.51 -25.90 8.72
CA THR B 15 11.36 -27.20 8.09
C THR B 15 10.41 -28.10 8.90
N GLN B 16 10.35 -27.90 10.21
CA GLN B 16 9.39 -28.60 11.06
C GLN B 16 7.97 -28.15 10.75
N ALA B 17 7.80 -26.85 10.55
CA ALA B 17 6.49 -26.26 10.20
C ALA B 17 6.00 -26.68 8.80
N LYS B 18 6.88 -26.62 7.82
CA LYS B 18 6.59 -27.13 6.49
C LYS B 18 6.20 -28.62 6.50
N ARG B 19 6.95 -29.44 7.25
CA ARG B 19 6.68 -30.88 7.26
C ARG B 19 5.32 -31.20 7.89
N LEU B 20 5.01 -30.51 8.98
CA LEU B 20 3.74 -30.70 9.65
C LEU B 20 2.55 -30.18 8.82
N ALA B 21 2.74 -29.05 8.13
CA ALA B 21 1.71 -28.53 7.20
C ALA B 21 1.37 -29.55 6.13
N LYS B 22 2.40 -30.21 5.62
CA LYS B 22 2.24 -31.22 4.58
C LYS B 22 1.46 -32.41 5.13
N GLU B 23 1.90 -32.94 6.27
CA GLU B 23 1.34 -34.19 6.79
C GLU B 23 -0.03 -34.01 7.42
N LYS B 24 -0.24 -32.95 8.19
CA LYS B 24 -1.49 -32.80 8.92
C LYS B 24 -2.47 -31.83 8.26
N GLY B 25 -2.06 -31.19 7.17
CA GLY B 25 -2.91 -30.22 6.48
C GLY B 25 -3.15 -28.94 7.28
N PHE B 26 -2.12 -28.13 7.41
CA PHE B 26 -2.18 -26.80 8.02
C PHE B 26 -1.78 -25.80 6.94
N VAL B 27 -2.33 -24.59 7.01
CA VAL B 27 -1.78 -23.48 6.22
C VAL B 27 -0.57 -22.93 6.95
N HIS B 28 0.59 -23.08 6.35
CA HIS B 28 1.82 -22.60 6.94
C HIS B 28 1.96 -21.14 6.59
N ILE B 29 2.05 -20.27 7.60
CA ILE B 29 2.19 -18.83 7.37
C ILE B 29 3.46 -18.24 7.97
N SER B 30 4.30 -17.66 7.12
CA SER B 30 5.39 -16.80 7.57
C SER B 30 5.26 -15.45 6.91
N THR B 31 5.63 -14.40 7.63
CA THR B 31 5.35 -13.08 7.15
C THR B 31 6.22 -12.71 5.95
N GLY B 32 7.40 -13.33 5.86
CA GLY B 32 8.30 -13.11 4.75
C GLY B 32 7.65 -13.57 3.46
N ASP B 33 7.17 -14.80 3.46
CA ASP B 33 6.50 -15.37 2.30
C ASP B 33 5.28 -14.58 1.85
N ILE B 34 4.28 -14.44 2.73
CA ILE B 34 3.06 -13.72 2.34
C ILE B 34 3.33 -12.28 1.90
N LEU B 35 4.37 -11.64 2.44
CA LEU B 35 4.81 -10.34 1.91
C LEU B 35 5.30 -10.39 0.46
N ARG B 36 6.27 -11.28 0.16
CA ARG B 36 6.72 -11.56 -1.20
C ARG B 36 5.55 -11.72 -2.15
N GLU B 37 4.73 -12.74 -1.87
CA GLU B 37 3.50 -13.02 -2.61
C GLU B 37 2.69 -11.74 -2.92
N ALA B 38 2.33 -10.97 -1.88
CA ALA B 38 1.50 -9.77 -2.11
C ALA B 38 2.20 -8.65 -2.86
N VAL B 39 3.47 -8.39 -2.55
CA VAL B 39 4.23 -7.32 -3.21
C VAL B 39 4.44 -7.64 -4.70
N GLN B 40 4.87 -8.85 -4.98
CA GLN B 40 5.15 -9.29 -6.34
C GLN B 40 3.87 -9.53 -7.17
N LYS B 41 2.78 -9.89 -6.50
CA LYS B 41 1.48 -10.06 -7.17
C LYS B 41 0.80 -8.71 -7.42
N GLY B 42 1.29 -7.66 -6.76
CA GLY B 42 0.73 -6.32 -6.85
C GLY B 42 -0.70 -6.21 -6.36
N THR B 43 -1.03 -6.98 -5.31
CA THR B 43 -2.33 -6.86 -4.65
C THR B 43 -2.42 -5.50 -3.93
N PRO B 44 -3.64 -5.06 -3.58
CA PRO B 44 -3.75 -3.70 -3.01
C PRO B 44 -2.93 -3.54 -1.73
N LEU B 45 -2.92 -4.54 -0.86
CA LEU B 45 -2.08 -4.50 0.34
C LEU B 45 -0.58 -4.66 0.08
N GLY B 46 -0.23 -5.36 -1.01
CA GLY B 46 1.17 -5.48 -1.45
C GLY B 46 1.71 -4.16 -1.98
N LYS B 47 0.93 -3.48 -2.82
CA LYS B 47 1.32 -2.15 -3.32
C LYS B 47 1.48 -1.18 -2.13
N LYS B 48 0.54 -1.25 -1.19
CA LYS B 48 0.60 -0.48 0.03
C LYS B 48 1.87 -0.81 0.84
N ALA B 49 2.15 -2.09 1.03
CA ALA B 49 3.38 -2.52 1.70
C ALA B 49 4.60 -2.02 0.95
N LYS B 50 4.52 -2.07 -0.38
CA LYS B 50 5.61 -1.65 -1.25
C LYS B 50 5.98 -0.18 -1.05
N GLU B 51 4.97 0.68 -0.89
CA GLU B 51 5.17 2.12 -0.68
C GLU B 51 5.94 2.37 0.60
N TYR B 52 5.59 1.64 1.65
CA TYR B 52 6.29 1.71 2.93
C TYR B 52 7.78 1.44 2.80
N MET B 53 8.13 0.35 2.12
CA MET B 53 9.52 -0.08 1.96
C MET B 53 10.33 0.87 1.05
N GLU B 54 9.64 1.56 0.16
CA GLU B 54 10.29 2.53 -0.72
C GLU B 54 10.72 3.80 -0.01
N ARG B 55 9.96 4.24 1.00
CA ARG B 55 10.33 5.46 1.72
C ARG B 55 11.09 5.20 3.04
N GLY B 56 11.63 3.99 3.16
CA GLY B 56 12.56 3.64 4.23
C GLY B 56 11.91 3.44 5.58
N GLU B 57 10.72 2.86 5.57
CA GLU B 57 9.99 2.59 6.80
C GLU B 57 9.60 1.12 6.88
N LEU B 58 9.38 0.67 8.10
CA LEU B 58 8.96 -0.71 8.35
C LEU B 58 7.47 -0.85 7.99
N VAL B 59 7.08 -2.06 7.61
CA VAL B 59 5.68 -2.38 7.37
C VAL B 59 4.99 -2.46 8.73
N PRO B 60 3.92 -1.66 8.92
CA PRO B 60 3.19 -1.59 10.18
C PRO B 60 2.46 -2.88 10.58
N ASP B 61 2.49 -3.20 11.87
CA ASP B 61 1.82 -4.39 12.41
C ASP B 61 0.42 -4.58 11.85
N ASP B 62 -0.34 -3.50 11.73
CA ASP B 62 -1.74 -3.59 11.32
C ASP B 62 -1.83 -4.04 9.88
N LEU B 63 -0.87 -3.61 9.07
CA LEU B 63 -0.80 -4.06 7.69
C LEU B 63 -0.45 -5.57 7.57
N ILE B 64 0.53 -6.02 8.33
CA ILE B 64 0.88 -7.45 8.36
C ILE B 64 -0.34 -8.29 8.78
N ILE B 65 -1.02 -7.89 9.85
CA ILE B 65 -2.25 -8.57 10.29
C ILE B 65 -3.30 -8.63 9.18
N ALA B 66 -3.47 -7.52 8.45
CA ALA B 66 -4.43 -7.45 7.34
C ALA B 66 -3.99 -8.38 6.22
N LEU B 67 -2.68 -8.52 6.04
CA LEU B 67 -2.14 -9.48 5.06
C LEU B 67 -2.44 -10.94 5.45
N ILE B 68 -2.20 -11.27 6.73
CA ILE B 68 -2.56 -12.58 7.33
C ILE B 68 -4.04 -12.85 7.17
N GLU B 69 -4.83 -11.83 7.46
CA GLU B 69 -6.28 -11.87 7.37
C GLU B 69 -6.79 -12.38 6.03
N GLU B 70 -6.09 -12.09 4.93
CA GLU B 70 -6.62 -12.54 3.64
C GLU B 70 -6.23 -13.95 3.21
N VAL B 71 -5.05 -14.39 3.63
CA VAL B 71 -4.66 -15.77 3.35
C VAL B 71 -5.24 -16.74 4.37
N PHE B 72 -5.85 -16.23 5.44
CA PHE B 72 -6.37 -17.04 6.55
C PHE B 72 -7.49 -18.02 6.15
N PRO B 73 -7.29 -19.33 6.44
CA PRO B 73 -8.23 -20.34 5.96
C PRO B 73 -9.52 -20.39 6.79
N LYS B 74 -10.64 -20.58 6.10
CA LYS B 74 -11.91 -20.70 6.78
C LYS B 74 -11.87 -21.81 7.83
N HIS B 75 -11.18 -22.91 7.54
CA HIS B 75 -11.11 -24.04 8.48
C HIS B 75 -10.34 -23.74 9.78
N GLY B 76 -9.34 -22.89 9.70
CA GLY B 76 -8.66 -22.41 10.89
C GLY B 76 -7.43 -23.17 11.36
N ASN B 77 -6.90 -24.05 10.52
CA ASN B 77 -5.70 -24.81 10.86
C ASN B 77 -4.45 -24.12 10.34
N VAL B 78 -3.69 -23.52 11.24
CA VAL B 78 -2.64 -22.58 10.85
C VAL B 78 -1.44 -22.74 11.73
N ILE B 79 -0.28 -22.71 11.10
CA ILE B 79 1.01 -22.61 11.77
C ILE B 79 1.60 -21.21 11.47
N PHE B 80 1.82 -20.41 12.50
CA PHE B 80 2.57 -19.16 12.37
C PHE B 80 4.04 -19.46 12.64
N ASP B 81 4.88 -19.14 11.66
CA ASP B 81 6.26 -19.53 11.68
C ASP B 81 7.11 -18.26 11.80
N GLY B 82 7.54 -17.94 13.02
CA GLY B 82 8.40 -16.78 13.26
C GLY B 82 7.64 -15.48 13.42
N PHE B 83 6.36 -15.59 13.75
CA PHE B 83 5.51 -14.47 14.01
C PHE B 83 4.49 -14.92 15.06
N PRO B 84 4.12 -14.03 16.01
CA PRO B 84 4.58 -12.66 16.23
C PRO B 84 6.06 -12.53 16.62
N ARG B 85 6.60 -11.32 16.47
CA ARG B 85 7.94 -10.98 16.95
C ARG B 85 7.95 -10.07 18.18
N THR B 86 6.94 -9.23 18.35
CA THR B 86 6.86 -8.32 19.52
C THR B 86 5.58 -8.63 20.33
N VAL B 87 5.57 -8.33 21.63
CA VAL B 87 4.33 -8.57 22.41
C VAL B 87 3.16 -7.80 21.80
N LYS B 88 3.43 -6.61 21.27
CA LYS B 88 2.43 -5.83 20.56
C LYS B 88 1.80 -6.63 19.42
N GLN B 89 2.64 -7.29 18.63
CA GLN B 89 2.15 -8.13 17.55
C GLN B 89 1.33 -9.30 18.05
N ALA B 90 1.75 -9.90 19.17
CA ALA B 90 1.02 -11.03 19.74
C ALA B 90 -0.37 -10.62 20.25
N GLU B 91 -0.44 -9.48 20.92
CA GLU B 91 -1.71 -8.91 21.36
C GLU B 91 -2.61 -8.70 20.16
N ALA B 92 -2.08 -8.05 19.13
CA ALA B 92 -2.84 -7.75 17.92
C ALA B 92 -3.32 -9.05 17.28
N LEU B 93 -2.51 -10.09 17.38
CA LEU B 93 -2.85 -11.40 16.82
C LEU B 93 -4.01 -12.04 17.55
N ASP B 94 -3.96 -12.02 18.87
CA ASP B 94 -5.05 -12.57 19.68
C ASP B 94 -6.38 -11.88 19.37
N GLU B 95 -6.34 -10.55 19.19
CA GLU B 95 -7.55 -9.79 18.83
C GLU B 95 -8.17 -10.30 17.55
N MET B 96 -7.37 -10.44 16.49
CA MET B 96 -7.89 -10.96 15.23
C MET B 96 -8.54 -12.33 15.40
N LEU B 97 -7.83 -13.24 16.07
CA LEU B 97 -8.34 -14.59 16.29
C LEU B 97 -9.59 -14.58 17.16
N GLU B 98 -9.61 -13.71 18.17
CA GLU B 98 -10.79 -13.47 19.00
C GLU B 98 -12.03 -13.23 18.14
N LYS B 99 -11.91 -12.31 17.18
CA LYS B 99 -13.00 -11.95 16.24
C LYS B 99 -13.58 -13.14 15.47
N LYS B 100 -12.81 -14.22 15.40
CA LYS B 100 -13.22 -15.42 14.68
C LYS B 100 -13.62 -16.53 15.64
N GLY B 101 -13.52 -16.28 16.93
CA GLY B 101 -13.89 -17.28 17.93
C GLY B 101 -12.84 -18.37 18.07
N LEU B 102 -11.59 -18.01 17.77
CA LEU B 102 -10.47 -18.92 17.86
C LEU B 102 -9.39 -18.36 18.80
N LYS B 103 -8.38 -19.17 19.08
CA LYS B 103 -7.29 -18.77 19.95
C LYS B 103 -6.00 -19.45 19.51
N VAL B 104 -4.87 -19.03 20.08
CA VAL B 104 -3.63 -19.76 19.90
C VAL B 104 -3.69 -20.96 20.85
N ASP B 105 -3.54 -22.16 20.29
CA ASP B 105 -3.62 -23.39 21.07
C ASP B 105 -2.25 -23.82 21.64
N HIS B 106 -1.19 -23.64 20.85
CA HIS B 106 0.16 -23.98 21.32
C HIS B 106 1.20 -23.04 20.74
N VAL B 107 2.09 -22.55 21.60
CA VAL B 107 3.28 -21.87 21.17
C VAL B 107 4.45 -22.82 21.42
N LEU B 108 5.10 -23.26 20.36
CA LEU B 108 6.25 -24.15 20.55
C LEU B 108 7.53 -23.33 20.45
N LEU B 109 8.27 -23.30 21.55
CA LEU B 109 9.56 -22.64 21.56
C LEU B 109 10.63 -23.67 21.23
N PHE B 110 11.38 -23.39 20.19
CA PHE B 110 12.52 -24.21 19.80
C PHE B 110 13.82 -23.71 20.45
N GLU B 111 14.26 -24.38 21.52
CA GLU B 111 15.49 -23.99 22.22
C GLU B 111 16.74 -24.65 21.64
N VAL B 112 17.80 -23.84 21.47
CA VAL B 112 19.10 -24.32 20.97
C VAL B 112 20.24 -23.52 21.65
N PRO B 113 21.32 -24.19 22.08
CA PRO B 113 22.50 -23.47 22.59
C PRO B 113 23.08 -22.54 21.53
N ASP B 114 23.39 -21.30 21.91
CA ASP B 114 23.97 -20.32 20.98
C ASP B 114 25.00 -20.92 20.04
N GLU B 115 25.82 -21.81 20.60
CA GLU B 115 26.93 -22.48 19.94
C GLU B 115 26.46 -23.32 18.76
N VAL B 116 25.31 -23.96 18.91
CA VAL B 116 24.76 -24.81 17.85
C VAL B 116 24.22 -23.94 16.71
N VAL B 117 23.67 -22.78 17.06
CA VAL B 117 23.20 -21.79 16.08
C VAL B 117 24.36 -21.27 15.22
N ILE B 118 25.45 -20.87 15.88
CA ILE B 118 26.71 -20.49 15.22
C ILE B 118 27.18 -21.61 14.27
N GLU B 119 27.23 -22.84 14.78
CA GLU B 119 27.66 -23.97 13.97
C GLU B 119 26.75 -24.32 12.79
N ARG B 120 25.44 -24.12 12.92
CA ARG B 120 24.54 -24.41 11.81
C ARG B 120 24.48 -23.30 10.76
N LEU B 121 24.50 -22.06 11.22
CA LEU B 121 24.42 -20.91 10.33
C LEU B 121 25.72 -20.64 9.56
N SER B 122 26.85 -20.93 10.20
CA SER B 122 28.14 -20.74 9.54
C SER B 122 28.47 -21.93 8.62
N GLY B 123 27.54 -22.87 8.50
CA GLY B 123 27.65 -23.97 7.53
C GLY B 123 26.99 -23.64 6.19
N ARG B 124 26.44 -22.43 6.08
CA ARG B 124 25.85 -21.93 4.85
C ARG B 124 26.85 -21.35 3.84
N ARG B 125 26.79 -21.86 2.61
CA ARG B 125 27.55 -21.26 1.51
C ARG B 125 26.61 -20.61 0.50
N ILE B 126 27.09 -19.56 -0.15
CA ILE B 126 26.33 -18.83 -1.16
C ILE B 126 27.13 -18.80 -2.46
N ASN B 127 26.44 -19.09 -3.57
CA ASN B 127 26.96 -18.81 -4.89
C ASN B 127 26.88 -17.31 -5.08
N PRO B 128 28.02 -16.64 -5.28
CA PRO B 128 27.96 -15.18 -5.41
C PRO B 128 27.34 -14.70 -6.74
N GLU B 129 27.18 -15.61 -7.69
CA GLU B 129 26.60 -15.29 -9.01
C GLU B 129 25.09 -15.52 -9.08
N THR B 130 24.61 -16.58 -8.43
CA THR B 130 23.18 -16.94 -8.47
C THR B 130 22.51 -16.74 -7.11
N GLY B 131 23.25 -16.23 -6.13
CA GLY B 131 22.70 -15.95 -4.80
C GLY B 131 22.06 -17.16 -4.12
N GLU B 132 22.37 -18.35 -4.62
CA GLU B 132 21.76 -19.58 -4.12
C GLU B 132 22.37 -20.10 -2.83
N VAL B 133 21.49 -20.40 -1.88
CA VAL B 133 21.87 -20.91 -0.57
C VAL B 133 22.24 -22.40 -0.68
N TYR B 134 23.26 -22.80 0.08
CA TYR B 134 23.69 -24.20 0.20
C TYR B 134 24.12 -24.47 1.65
N HIS B 135 24.35 -25.73 2.00
CA HIS B 135 24.86 -26.06 3.33
C HIS B 135 25.74 -27.30 3.25
N VAL B 136 26.87 -27.25 3.94
CA VAL B 136 27.85 -28.35 3.86
C VAL B 136 27.33 -29.68 4.42
N LYS B 137 26.40 -29.60 5.37
CA LYS B 137 25.75 -30.79 5.91
C LYS B 137 24.48 -31.18 5.14
N TYR B 138 23.47 -30.30 5.19
CA TYR B 138 22.14 -30.62 4.63
C TYR B 138 22.06 -30.52 3.11
N ASN B 139 22.31 -29.34 2.57
CA ASN B 139 22.21 -29.11 1.13
C ASN B 139 23.57 -28.82 0.50
N PRO B 140 24.44 -29.84 0.37
CA PRO B 140 25.80 -29.56 -0.12
C PRO B 140 25.78 -28.97 -1.51
N PRO B 141 26.81 -28.17 -1.85
CA PRO B 141 26.88 -27.67 -3.22
C PRO B 141 27.46 -28.72 -4.17
N PRO B 142 26.94 -28.80 -5.41
CA PRO B 142 27.50 -29.75 -6.37
C PRO B 142 28.90 -29.28 -6.81
N PRO B 143 29.94 -30.11 -6.58
CA PRO B 143 31.34 -29.68 -6.77
C PRO B 143 31.58 -29.03 -8.13
N GLY B 144 32.58 -28.14 -8.20
CA GLY B 144 32.84 -27.36 -9.40
C GLY B 144 31.95 -26.13 -9.47
N VAL B 145 31.31 -25.81 -8.37
CA VAL B 145 30.48 -24.62 -8.27
C VAL B 145 31.09 -23.63 -7.28
N LYS B 146 31.12 -22.37 -7.68
CA LYS B 146 31.74 -21.27 -6.96
C LYS B 146 30.99 -20.97 -5.65
N VAL B 147 31.62 -21.23 -4.51
CA VAL B 147 30.93 -21.01 -3.22
C VAL B 147 31.67 -20.26 -2.10
N ILE B 148 30.97 -19.33 -1.47
CA ILE B 148 31.54 -18.55 -0.37
C ILE B 148 30.75 -18.68 0.94
N GLN B 149 31.44 -18.40 2.05
CA GLN B 149 30.82 -18.20 3.35
C GLN B 149 30.65 -16.68 3.54
N ARG B 150 29.40 -16.22 3.58
CA ARG B 150 29.06 -14.79 3.67
C ARG B 150 29.56 -14.05 4.92
N GLU B 151 29.61 -12.72 4.85
CA GLU B 151 29.99 -11.90 6.01
C GLU B 151 29.04 -12.13 7.20
N ASP B 152 27.74 -12.24 6.93
CA ASP B 152 26.74 -12.54 7.97
C ASP B 152 26.85 -13.95 8.54
N ASP B 153 27.55 -14.83 7.85
CA ASP B 153 27.62 -16.21 8.32
C ASP B 153 28.92 -16.52 9.05
N LYS B 154 29.55 -15.46 9.55
CA LYS B 154 30.78 -15.59 10.34
C LYS B 154 30.44 -15.56 11.82
N PRO B 155 31.08 -16.44 12.62
CA PRO B 155 30.91 -16.52 14.07
C PRO B 155 30.58 -15.22 14.81
N GLU B 156 31.40 -14.18 14.63
CA GLU B 156 31.23 -12.91 15.36
C GLU B 156 29.92 -12.23 15.04
N VAL B 157 29.49 -12.34 13.79
CA VAL B 157 28.28 -11.66 13.32
C VAL B 157 27.02 -12.43 13.74
N ILE B 158 27.05 -13.76 13.61
CA ILE B 158 25.95 -14.59 14.07
C ILE B 158 25.71 -14.30 15.54
N LYS B 159 26.79 -14.35 16.32
CA LYS B 159 26.73 -14.13 17.76
C LYS B 159 26.03 -12.83 18.14
N LYS B 160 26.48 -11.73 17.53
CA LYS B 160 25.95 -10.38 17.78
C LYS B 160 24.44 -10.25 17.51
N ARG B 161 23.98 -10.87 16.43
CA ARG B 161 22.58 -10.78 16.05
C ARG B 161 21.73 -11.76 16.86
N LEU B 162 22.36 -12.80 17.38
CA LEU B 162 21.68 -13.75 18.23
C LEU B 162 21.32 -13.09 19.56
N GLU B 163 22.25 -12.28 20.09
CA GLU B 163 22.04 -11.56 21.36
C GLU B 163 20.86 -10.59 21.31
N VAL B 164 20.74 -9.85 20.21
CA VAL B 164 19.62 -8.94 19.97
C VAL B 164 18.32 -9.74 19.89
N TYR B 165 18.38 -10.86 19.16
CA TYR B 165 17.24 -11.76 19.07
C TYR B 165 16.72 -12.17 20.45
N ARG B 166 17.62 -12.66 21.29
CA ARG B 166 17.21 -13.19 22.58
C ARG B 166 16.64 -12.11 23.50
N GLU B 167 17.27 -10.93 23.50
CA GLU B 167 16.69 -9.73 24.11
C GLU B 167 15.26 -9.44 23.64
N GLN B 168 15.07 -9.30 22.33
CA GLN B 168 13.76 -8.95 21.75
C GLN B 168 12.67 -10.04 21.91
N THR B 169 13.06 -11.27 22.14
CA THR B 169 12.09 -12.36 22.26
C THR B 169 11.78 -12.70 23.72
N ALA B 170 12.65 -12.22 24.63
CA ALA B 170 12.43 -12.41 26.06
C ALA B 170 11.01 -11.99 26.52
N PRO B 171 10.57 -10.75 26.20
CA PRO B 171 9.20 -10.41 26.66
C PRO B 171 8.16 -11.34 26.03
N LEU B 172 8.35 -11.67 24.77
CA LEU B 172 7.38 -12.49 24.04
C LEU B 172 7.17 -13.89 24.65
N ILE B 173 8.26 -14.54 25.06
CA ILE B 173 8.21 -15.86 25.70
C ILE B 173 7.50 -15.74 27.05
N GLU B 174 7.75 -14.64 27.74
CA GLU B 174 7.17 -14.41 29.05
C GLU B 174 5.66 -14.20 28.93
N TYR B 175 5.23 -13.44 27.92
CA TYR B 175 3.81 -13.26 27.57
C TYR B 175 3.05 -14.59 27.44
N TYR B 176 3.56 -15.46 26.56
CA TYR B 176 2.93 -16.75 26.30
C TYR B 176 3.00 -17.70 27.51
N LYS B 177 4.10 -17.65 28.25
CA LYS B 177 4.22 -18.44 29.45
C LYS B 177 3.08 -18.13 30.40
N LYS B 178 2.77 -16.83 30.54
CA LYS B 178 1.68 -16.36 31.40
C LYS B 178 0.31 -16.88 30.94
N LYS B 179 0.12 -16.96 29.63
CA LYS B 179 -1.13 -17.51 29.09
C LYS B 179 -1.21 -19.03 29.30
N GLY B 180 -0.05 -19.65 29.55
CA GLY B 180 0.03 -21.09 29.87
C GLY B 180 0.18 -22.05 28.70
N ILE B 181 0.28 -21.52 27.48
CA ILE B 181 0.25 -22.37 26.28
C ILE B 181 1.63 -22.64 25.66
N LEU B 182 2.69 -22.34 26.39
CA LEU B 182 4.07 -22.36 25.87
C LEU B 182 4.79 -23.69 26.11
N ARG B 183 5.07 -24.45 25.05
CA ARG B 183 5.79 -25.73 25.14
C ARG B 183 7.22 -25.59 24.65
N ILE B 184 8.14 -26.29 25.31
CA ILE B 184 9.57 -26.19 24.96
C ILE B 184 10.07 -27.42 24.21
N ILE B 185 10.45 -27.20 22.95
CA ILE B 185 11.06 -28.21 22.11
C ILE B 185 12.59 -28.21 22.24
N ASP B 186 13.20 -29.38 22.42
CA ASP B 186 14.68 -29.44 22.38
C ASP B 186 15.17 -29.55 20.93
N ALA B 187 15.47 -28.39 20.35
CA ALA B 187 15.83 -28.32 18.93
C ALA B 187 17.30 -28.62 18.66
N SER B 188 18.02 -29.14 19.68
CA SER B 188 19.41 -29.52 19.50
C SER B 188 19.56 -30.99 19.09
N LYS B 189 18.44 -31.66 18.85
CA LYS B 189 18.44 -33.07 18.43
C LYS B 189 18.40 -33.19 16.90
N PRO B 190 18.73 -34.38 16.33
CA PRO B 190 18.59 -34.55 14.88
C PRO B 190 17.16 -34.25 14.41
N VAL B 191 17.01 -33.94 13.14
CA VAL B 191 15.70 -33.51 12.59
C VAL B 191 14.49 -34.39 12.98
N GLU B 192 14.59 -35.70 12.76
CA GLU B 192 13.45 -36.58 13.03
C GLU B 192 13.10 -36.70 14.52
N GLU B 193 14.09 -36.50 15.40
CA GLU B 193 13.87 -36.53 16.85
C GLU B 193 13.11 -35.29 17.34
N VAL B 194 13.32 -34.16 16.66
CA VAL B 194 12.57 -32.93 16.92
C VAL B 194 11.12 -33.09 16.46
N TYR B 195 10.92 -33.68 15.28
CA TYR B 195 9.57 -33.91 14.75
C TYR B 195 8.69 -34.69 15.72
N ARG B 196 9.25 -35.76 16.29
CA ARG B 196 8.52 -36.58 17.23
C ARG B 196 8.04 -35.81 18.46
N GLN B 197 8.86 -34.87 18.97
CA GLN B 197 8.41 -34.08 20.12
C GLN B 197 7.36 -33.02 19.78
N VAL B 198 7.38 -32.53 18.54
CA VAL B 198 6.33 -31.65 18.01
C VAL B 198 5.00 -32.42 17.87
N LEU B 199 5.08 -33.72 17.61
CA LEU B 199 3.87 -34.55 17.55
C LEU B 199 3.34 -34.86 18.95
N GLU B 200 4.25 -34.99 19.92
CA GLU B 200 3.85 -35.25 21.29
C GLU B 200 2.93 -34.14 21.84
N VAL B 201 3.32 -32.88 21.66
CA VAL B 201 2.54 -31.76 22.19
C VAL B 201 1.24 -31.44 21.40
N ILE B 202 0.91 -32.28 20.42
CA ILE B 202 -0.35 -32.11 19.69
C ILE B 202 -1.26 -33.35 19.67
N MET C 1 30.44 18.01 19.58
CA MET C 1 29.51 17.46 20.60
C MET C 1 28.58 16.38 20.06
N ILE C 2 28.34 15.37 20.90
CA ILE C 2 27.42 14.29 20.57
C ILE C 2 26.24 14.33 21.54
N LEU C 3 25.04 14.39 20.97
CA LEU C 3 23.82 14.50 21.74
C LEU C 3 22.76 13.50 21.29
N VAL C 4 21.98 13.02 22.25
CA VAL C 4 20.86 12.15 21.96
C VAL C 4 19.60 12.90 22.34
N PHE C 5 18.62 12.87 21.45
CA PHE C 5 17.32 13.49 21.68
C PHE C 5 16.26 12.42 21.91
N LEU C 6 15.61 12.49 23.05
CA LEU C 6 14.53 11.55 23.35
C LEU C 6 13.26 12.29 23.75
N GLY C 7 12.14 11.79 23.26
CA GLY C 7 10.86 12.39 23.53
C GLY C 7 9.71 11.62 22.92
N PRO C 8 8.55 11.67 23.58
CA PRO C 8 7.32 11.12 23.02
C PRO C 8 6.87 11.92 21.79
N PRO C 9 6.00 11.34 20.95
CA PRO C 9 5.33 12.08 19.88
C PRO C 9 4.81 13.40 20.38
N GLY C 10 4.95 14.46 19.59
CA GLY C 10 4.38 15.76 19.94
C GLY C 10 5.13 16.61 20.95
N ALA C 11 6.30 16.16 21.41
CA ALA C 11 7.16 16.97 22.28
C ALA C 11 7.91 18.05 21.50
N GLY C 12 7.95 17.89 20.18
CA GLY C 12 8.58 18.85 19.26
C GLY C 12 10.09 18.78 19.26
N LYS C 13 10.64 17.62 19.62
CA LYS C 13 12.10 17.44 19.70
C LYS C 13 12.78 17.56 18.33
N GLY C 14 12.10 17.11 17.28
CA GLY C 14 12.55 17.25 15.90
C GLY C 14 12.69 18.71 15.48
N THR C 15 11.75 19.55 15.90
CA THR C 15 11.78 20.99 15.60
C THR C 15 13.04 21.63 16.21
N GLN C 16 13.34 21.24 17.44
CA GLN C 16 14.52 21.73 18.13
C GLN C 16 15.79 21.32 17.39
N ALA C 17 15.94 20.02 17.15
CA ALA C 17 17.11 19.48 16.46
C ALA C 17 17.37 20.09 15.07
N LYS C 18 16.31 20.24 14.27
CA LYS C 18 16.42 20.88 12.95
C LYS C 18 16.86 22.35 13.03
N ARG C 19 16.47 23.02 14.11
CA ARG C 19 16.83 24.42 14.34
C ARG C 19 18.29 24.57 14.79
N LEU C 20 18.73 23.69 15.69
CA LEU C 20 20.10 23.69 16.19
C LEU C 20 21.11 23.34 15.10
N ALA C 21 20.69 22.50 14.16
CA ALA C 21 21.52 22.12 13.02
C ALA C 21 21.76 23.28 12.06
N LYS C 22 20.69 23.99 11.71
CA LYS C 22 20.76 25.11 10.76
C LYS C 22 21.42 26.35 11.37
N GLU C 23 21.43 26.42 12.70
CA GLU C 23 22.04 27.54 13.40
C GLU C 23 23.50 27.26 13.76
N LYS C 24 23.72 26.18 14.50
CA LYS C 24 25.03 25.94 15.09
C LYS C 24 25.78 24.76 14.47
N GLY C 25 25.53 24.54 13.18
CA GLY C 25 26.27 23.57 12.37
C GLY C 25 26.39 22.15 12.89
N PHE C 26 25.30 21.64 13.47
CA PHE C 26 25.23 20.25 13.87
C PHE C 26 24.71 19.41 12.73
N VAL C 27 25.15 18.16 12.65
CA VAL C 27 24.59 17.25 11.66
C VAL C 27 23.45 16.48 12.32
N HIS C 28 22.23 16.86 11.95
CA HIS C 28 21.00 16.22 12.43
C HIS C 28 20.87 14.86 11.78
N ILE C 29 20.84 13.81 12.62
CA ILE C 29 20.75 12.43 12.16
C ILE C 29 19.42 11.80 12.59
N SER C 30 18.71 11.22 11.63
CA SER C 30 17.52 10.44 11.93
C SER C 30 17.59 9.12 11.19
N THR C 31 17.27 8.04 11.88
CA THR C 31 17.28 6.71 11.27
C THR C 31 16.42 6.68 9.98
N GLY C 32 15.16 7.08 10.08
CA GLY C 32 14.27 7.15 8.92
C GLY C 32 14.95 7.72 7.69
N ASP C 33 15.52 8.91 7.84
CA ASP C 33 16.24 9.58 6.74
C ASP C 33 17.32 8.69 6.13
N ILE C 34 18.26 8.26 6.96
CA ILE C 34 19.41 7.46 6.51
C ILE C 34 18.92 6.26 5.73
N LEU C 35 18.03 5.50 6.35
CA LEU C 35 17.40 4.34 5.74
C LEU C 35 16.81 4.68 4.37
N ARG C 36 15.94 5.69 4.32
CA ARG C 36 15.26 6.07 3.09
C ARG C 36 16.27 6.24 1.96
N GLU C 37 17.25 7.14 2.16
CA GLU C 37 18.24 7.46 1.14
C GLU C 37 19.14 6.28 0.74
N ALA C 38 19.59 5.49 1.71
CA ALA C 38 20.45 4.33 1.45
C ALA C 38 19.75 3.26 0.56
N VAL C 39 18.45 3.06 0.81
CA VAL C 39 17.60 2.21 -0.03
C VAL C 39 17.32 2.86 -1.40
N GLN C 40 16.97 4.13 -1.39
CA GLN C 40 16.60 4.86 -2.60
C GLN C 40 17.81 5.10 -3.52
N LYS C 41 18.91 5.58 -2.97
CA LYS C 41 20.17 5.76 -3.71
C LYS C 41 20.86 4.44 -4.07
N GLY C 42 20.59 3.39 -3.29
CA GLY C 42 20.92 2.01 -3.67
C GLY C 42 22.29 1.45 -3.32
N THR C 43 22.86 1.85 -2.18
CA THR C 43 24.22 1.42 -1.77
C THR C 43 24.30 -0.09 -1.43
N PRO C 44 25.51 -0.63 -1.19
CA PRO C 44 25.64 -2.04 -0.74
C PRO C 44 24.97 -2.32 0.62
N LEU C 45 25.09 -1.38 1.56
CA LEU C 45 24.40 -1.50 2.84
C LEU C 45 22.91 -1.23 2.65
N GLY C 46 22.59 -0.36 1.69
CA GLY C 46 21.21 -0.08 1.32
C GLY C 46 20.44 -1.32 0.89
N LYS C 47 21.08 -2.14 0.04
CA LYS C 47 20.51 -3.40 -0.46
C LYS C 47 20.39 -4.46 0.64
N LYS C 48 21.40 -4.53 1.51
CA LYS C 48 21.36 -5.39 2.69
C LYS C 48 20.18 -5.04 3.58
N ALA C 49 19.92 -3.73 3.69
CA ALA C 49 18.83 -3.27 4.54
C ALA C 49 17.50 -3.63 3.90
N LYS C 50 17.44 -3.54 2.57
CA LYS C 50 16.21 -3.77 1.84
C LYS C 50 15.72 -5.21 1.98
N GLU C 51 16.65 -6.17 2.08
CA GLU C 51 16.31 -7.58 2.28
C GLU C 51 15.42 -7.73 3.51
N TYR C 52 15.90 -7.26 4.65
CA TYR C 52 15.15 -7.31 5.91
C TYR C 52 13.78 -6.63 5.85
N MET C 53 13.71 -5.47 5.21
CA MET C 53 12.46 -4.73 5.19
C MET C 53 11.41 -5.47 4.37
N GLU C 54 11.83 -6.08 3.26
CA GLU C 54 10.97 -6.90 2.42
C GLU C 54 10.41 -8.14 3.13
N ARG C 55 11.18 -8.71 4.06
CA ARG C 55 10.71 -9.83 4.88
C ARG C 55 9.82 -9.35 6.04
N GLY C 56 9.74 -8.02 6.22
CA GLY C 56 9.03 -7.43 7.35
C GLY C 56 9.76 -7.60 8.67
N GLU C 57 11.09 -7.57 8.64
CA GLU C 57 11.92 -7.77 9.83
C GLU C 57 12.66 -6.51 10.23
N LEU C 58 12.94 -6.35 11.51
CA LEU C 58 13.76 -5.23 11.95
C LEU C 58 15.14 -5.34 11.33
N VAL C 59 15.67 -4.20 10.89
CA VAL C 59 17.03 -4.11 10.36
C VAL C 59 18.00 -4.27 11.53
N PRO C 60 18.96 -5.21 11.39
CA PRO C 60 19.87 -5.47 12.51
C PRO C 60 20.57 -4.21 12.97
N ASP C 61 20.80 -4.13 14.28
CA ASP C 61 21.49 -3.00 14.88
C ASP C 61 22.80 -2.68 14.19
N ASP C 62 23.60 -3.72 13.92
CA ASP C 62 24.95 -3.51 13.38
C ASP C 62 24.91 -2.85 12.00
N LEU C 63 23.90 -3.20 11.20
CA LEU C 63 23.65 -2.49 9.93
C LEU C 63 23.29 -1.00 10.09
N ILE C 64 22.46 -0.68 11.08
CA ILE C 64 22.09 0.72 11.35
C ILE C 64 23.34 1.56 11.71
N ILE C 65 24.21 0.98 12.53
CA ILE C 65 25.49 1.59 12.90
C ILE C 65 26.32 1.86 11.64
N ALA C 66 26.56 0.81 10.87
CA ALA C 66 27.24 0.91 9.58
C ALA C 66 26.70 2.05 8.72
N LEU C 67 25.38 2.19 8.65
CA LEU C 67 24.79 3.26 7.85
C LEU C 67 25.10 4.63 8.44
N ILE C 68 25.14 4.68 9.77
CA ILE C 68 25.45 5.90 10.52
C ILE C 68 26.88 6.31 10.27
N GLU C 69 27.79 5.36 10.52
CA GLU C 69 29.22 5.53 10.36
C GLU C 69 29.58 5.97 8.94
N GLU C 70 28.75 5.58 7.98
CA GLU C 70 29.01 5.83 6.58
C GLU C 70 28.85 7.31 6.23
N VAL C 71 28.00 7.99 6.98
CA VAL C 71 27.73 9.41 6.76
C VAL C 71 28.04 10.26 8.00
N PHE C 72 28.91 9.73 8.86
CA PHE C 72 29.39 10.46 10.02
C PHE C 72 30.25 11.65 9.57
N PRO C 73 30.05 12.83 10.20
CA PRO C 73 30.80 14.02 9.80
C PRO C 73 32.23 14.01 10.31
N LYS C 74 33.16 14.55 9.53
CA LYS C 74 34.57 14.66 9.93
C LYS C 74 34.77 15.50 11.20
N HIS C 75 34.01 16.59 11.32
CA HIS C 75 34.04 17.42 12.54
C HIS C 75 33.40 16.70 13.73
N GLY C 76 32.40 15.87 13.47
CA GLY C 76 31.81 15.02 14.50
C GLY C 76 30.85 15.71 15.45
N ASN C 77 30.12 16.70 14.94
CA ASN C 77 29.05 17.37 15.69
C ASN C 77 27.66 16.82 15.30
N VAL C 78 27.23 15.78 16.00
CA VAL C 78 25.99 15.10 15.66
C VAL C 78 24.87 15.28 16.70
N ILE C 79 23.64 15.45 16.21
CA ILE C 79 22.46 15.31 17.06
C ILE C 79 21.70 14.08 16.60
N PHE C 80 21.62 13.08 17.47
CA PHE C 80 20.87 11.87 17.19
C PHE C 80 19.41 12.04 17.61
N ASP C 81 18.53 12.11 16.61
CA ASP C 81 17.10 12.42 16.79
C ASP C 81 16.23 11.17 16.77
N GLY C 82 15.81 10.73 17.98
CA GLY C 82 14.96 9.54 18.15
C GLY C 82 15.73 8.23 18.11
N PHE C 83 17.05 8.30 18.29
CA PHE C 83 17.92 7.14 18.29
C PHE C 83 18.99 7.32 19.37
N PRO C 84 19.30 6.27 20.13
CA PRO C 84 18.86 4.88 20.05
C PRO C 84 17.45 4.67 20.57
N ARG C 85 16.99 3.43 20.51
CA ARG C 85 15.63 3.08 20.92
C ARG C 85 15.66 1.92 21.91
N THR C 86 16.74 1.16 21.90
CA THR C 86 16.91 0.02 22.81
C THR C 86 18.20 0.17 23.58
N VAL C 87 18.33 -0.57 24.68
CA VAL C 87 19.59 -0.59 25.44
C VAL C 87 20.69 -1.19 24.56
N LYS C 88 20.34 -2.24 23.81
CA LYS C 88 21.29 -2.90 22.91
C LYS C 88 21.90 -1.97 21.84
N GLN C 89 21.12 -0.97 21.41
CA GLN C 89 21.58 0.01 20.42
C GLN C 89 22.44 1.10 21.06
N ALA C 90 21.96 1.63 22.19
CA ALA C 90 22.73 2.57 22.98
C ALA C 90 24.16 2.06 23.28
N GLU C 91 24.30 0.81 23.69
CA GLU C 91 25.62 0.25 23.97
C GLU C 91 26.42 -0.06 22.72
N ALA C 92 25.76 -0.22 21.59
CA ALA C 92 26.44 -0.37 20.30
C ALA C 92 26.87 0.98 19.75
N LEU C 93 26.06 2.01 20.00
CA LEU C 93 26.43 3.38 19.68
C LEU C 93 27.63 3.78 20.53
N ASP C 94 27.56 3.48 21.82
CA ASP C 94 28.64 3.78 22.74
C ASP C 94 29.94 3.14 22.27
N GLU C 95 29.87 1.84 21.97
CA GLU C 95 31.03 1.07 21.52
C GLU C 95 31.66 1.63 20.23
N MET C 96 30.81 2.08 19.31
CA MET C 96 31.26 2.62 18.03
C MET C 96 32.03 3.94 18.15
N LEU C 97 31.47 4.90 18.86
CA LEU C 97 32.08 6.22 19.03
C LEU C 97 33.41 6.13 19.75
N GLU C 98 33.51 5.14 20.64
CA GLU C 98 34.75 4.82 21.34
C GLU C 98 35.88 4.46 20.37
N LYS C 99 35.54 3.79 19.26
CA LYS C 99 36.51 3.47 18.21
C LYS C 99 37.02 4.72 17.49
N LYS C 100 36.31 5.83 17.70
CA LYS C 100 36.75 7.14 17.21
C LYS C 100 37.27 7.99 18.38
N GLY C 101 37.19 7.44 19.59
CA GLY C 101 37.54 8.15 20.81
C GLY C 101 36.58 9.31 21.06
N LEU C 102 35.29 9.00 21.04
CA LEU C 102 34.25 10.00 21.27
C LEU C 102 33.21 9.43 22.22
N LYS C 103 32.36 10.30 22.75
CA LYS C 103 31.34 9.91 23.73
C LYS C 103 30.03 10.65 23.51
N VAL C 104 28.93 10.07 23.99
CA VAL C 104 27.66 10.79 24.07
C VAL C 104 27.75 11.82 25.21
N ASP C 105 28.00 13.07 24.84
CA ASP C 105 28.14 14.15 25.82
C ASP C 105 26.90 14.32 26.69
N HIS C 106 25.74 14.58 26.07
CA HIS C 106 24.50 14.70 26.83
C HIS C 106 23.32 14.00 26.15
N VAL C 107 22.37 13.56 26.97
CA VAL C 107 21.13 12.98 26.47
C VAL C 107 19.97 13.83 26.97
N LEU C 108 19.40 14.62 26.06
CA LEU C 108 18.24 15.46 26.39
C LEU C 108 16.93 14.67 26.35
N LEU C 109 16.25 14.58 27.49
CA LEU C 109 14.92 13.98 27.51
C LEU C 109 13.89 15.10 27.49
N PHE C 110 12.93 14.98 26.60
CA PHE C 110 11.87 15.98 26.49
C PHE C 110 10.62 15.48 27.19
N GLU C 111 10.48 15.86 28.46
CA GLU C 111 9.32 15.47 29.24
C GLU C 111 8.10 16.34 28.96
N VAL C 112 6.95 15.68 28.80
CA VAL C 112 5.68 16.37 28.63
C VAL C 112 4.54 15.42 29.01
N PRO C 113 3.64 15.89 29.89
CA PRO C 113 2.50 15.08 30.35
C PRO C 113 1.57 14.62 29.22
N ASP C 114 1.04 13.41 29.36
CA ASP C 114 0.15 12.79 28.36
C ASP C 114 -0.93 13.74 27.81
N GLU C 115 -1.68 14.38 28.70
CA GLU C 115 -2.78 15.27 28.31
C GLU C 115 -2.36 16.42 27.40
N VAL C 116 -1.17 16.98 27.62
CA VAL C 116 -0.64 18.06 26.81
C VAL C 116 -0.33 17.59 25.38
N VAL C 117 0.25 16.40 25.28
CA VAL C 117 0.45 15.77 23.96
C VAL C 117 -0.91 15.54 23.29
N ILE C 118 -1.89 15.10 24.09
CA ILE C 118 -3.24 14.85 23.60
C ILE C 118 -3.86 16.14 23.08
N GLU C 119 -3.68 17.26 23.79
CA GLU C 119 -4.17 18.54 23.30
C GLU C 119 -3.51 18.93 21.96
N ARG C 120 -2.19 18.89 21.92
CA ARG C 120 -1.43 19.30 20.74
C ARG C 120 -1.72 18.50 19.45
N LEU C 121 -1.78 17.16 19.55
CA LEU C 121 -1.99 16.31 18.36
C LEU C 121 -3.47 16.00 18.05
N SER C 122 -4.32 16.01 19.08
CA SER C 122 -5.74 15.74 18.92
C SER C 122 -6.47 16.86 18.19
N GLY C 123 -5.99 18.09 18.42
CA GLY C 123 -6.58 19.30 17.87
C GLY C 123 -6.28 19.62 16.42
N ARG C 124 -5.33 18.90 15.81
CA ARG C 124 -4.99 19.09 14.40
C ARG C 124 -6.10 18.68 13.44
N ARG C 125 -6.30 19.54 12.44
CA ARG C 125 -7.19 19.25 11.33
C ARG C 125 -6.41 19.53 10.06
N ILE C 126 -6.50 18.61 9.10
CA ILE C 126 -5.79 18.78 7.83
C ILE C 126 -6.80 19.09 6.79
N ASN C 127 -6.44 20.00 5.90
CA ASN C 127 -7.11 20.17 4.63
C ASN C 127 -6.74 18.98 3.75
N PRO C 128 -7.72 18.11 3.42
CA PRO C 128 -7.52 16.87 2.65
C PRO C 128 -7.08 17.10 1.21
N GLU C 129 -7.37 18.28 0.68
CA GLU C 129 -7.06 18.68 -0.69
C GLU C 129 -5.65 19.21 -0.85
N THR C 130 -5.17 19.97 0.15
CA THR C 130 -3.91 20.71 0.03
C THR C 130 -2.83 20.30 1.03
N GLY C 131 -3.24 19.70 2.13
CA GLY C 131 -2.31 19.25 3.16
C GLY C 131 -2.00 20.31 4.21
N GLU C 132 -2.65 21.45 4.08
CA GLU C 132 -2.51 22.56 5.00
C GLU C 132 -3.06 22.12 6.36
N VAL C 133 -2.29 22.39 7.41
CA VAL C 133 -2.61 21.91 8.75
C VAL C 133 -3.11 23.04 9.63
N TYR C 134 -4.11 22.75 10.45
CA TYR C 134 -4.71 23.74 11.32
C TYR C 134 -4.77 23.12 12.69
N HIS C 135 -5.09 23.88 13.72
CA HIS C 135 -5.34 23.33 15.05
C HIS C 135 -6.61 23.98 15.61
N VAL C 136 -7.57 23.18 16.10
CA VAL C 136 -8.88 23.72 16.51
C VAL C 136 -8.77 24.86 17.54
N LYS C 137 -7.89 24.72 18.54
CA LYS C 137 -7.67 25.80 19.49
C LYS C 137 -6.70 26.84 18.93
N TYR C 138 -5.46 26.41 18.66
CA TYR C 138 -4.36 27.34 18.42
C TYR C 138 -4.40 28.07 17.10
N ASN C 139 -4.85 27.38 16.05
CA ASN C 139 -4.92 27.97 14.72
C ASN C 139 -6.12 27.45 13.92
N PRO C 140 -7.34 27.86 14.31
CA PRO C 140 -8.56 27.23 13.83
C PRO C 140 -8.73 27.32 12.31
N PRO C 141 -9.45 26.37 11.71
CA PRO C 141 -9.56 26.45 10.25
C PRO C 141 -10.50 27.57 9.80
N PRO C 142 -10.23 28.18 8.65
CA PRO C 142 -11.06 29.24 8.06
C PRO C 142 -12.48 28.79 7.67
N PRO C 143 -13.42 29.76 7.58
CA PRO C 143 -14.82 29.50 7.22
C PRO C 143 -14.97 28.73 5.90
N GLY C 144 -15.84 27.73 5.87
CA GLY C 144 -16.16 27.05 4.62
C GLY C 144 -15.03 26.25 4.00
N VAL C 145 -14.02 25.95 4.80
CA VAL C 145 -12.96 25.02 4.41
C VAL C 145 -13.20 23.69 5.08
N LYS C 146 -13.27 22.64 4.28
CA LYS C 146 -13.51 21.28 4.78
C LYS C 146 -12.20 20.74 5.33
N VAL C 147 -12.22 20.22 6.56
CA VAL C 147 -11.02 19.68 7.19
C VAL C 147 -11.31 18.32 7.79
N ILE C 148 -10.27 17.53 8.04
CA ILE C 148 -10.48 16.25 8.69
C ILE C 148 -9.48 16.06 9.81
N GLN C 149 -9.82 15.13 10.69
CA GLN C 149 -8.90 14.67 11.70
C GLN C 149 -8.26 13.40 11.15
N ARG C 150 -6.93 13.36 11.13
CA ARG C 150 -6.23 12.13 10.74
C ARG C 150 -6.61 11.02 11.72
N GLU C 151 -6.62 9.79 11.22
CA GLU C 151 -6.95 8.62 12.04
C GLU C 151 -6.01 8.47 13.24
N ASP C 152 -4.71 8.67 13.01
CA ASP C 152 -3.71 8.51 14.07
C ASP C 152 -3.53 9.74 14.95
N ASP C 153 -4.43 10.73 14.78
CA ASP C 153 -4.47 11.89 15.66
C ASP C 153 -5.66 11.80 16.61
N LYS C 154 -6.35 10.67 16.56
CA LYS C 154 -7.45 10.38 17.47
C LYS C 154 -6.93 10.11 18.88
N PRO C 155 -7.63 10.61 19.92
CA PRO C 155 -7.25 10.35 21.32
C PRO C 155 -6.90 8.90 21.62
N GLU C 156 -7.70 7.96 21.10
CA GLU C 156 -7.50 6.53 21.29
C GLU C 156 -6.17 6.06 20.70
N VAL C 157 -5.81 6.59 19.54
CA VAL C 157 -4.58 6.15 18.86
C VAL C 157 -3.37 6.87 19.45
N ILE C 158 -3.60 8.04 20.05
CA ILE C 158 -2.52 8.77 20.73
C ILE C 158 -2.14 8.09 22.06
N LYS C 159 -3.14 7.64 22.82
CA LYS C 159 -2.89 6.96 24.12
C LYS C 159 -2.10 5.68 23.96
N LYS C 160 -2.48 4.87 22.97
CA LYS C 160 -1.83 3.61 22.65
C LYS C 160 -0.40 3.84 22.13
N ARG C 161 -0.26 4.88 21.31
CA ARG C 161 1.02 5.25 20.75
C ARG C 161 1.96 5.71 21.84
N LEU C 162 1.41 6.46 22.80
CA LEU C 162 2.15 6.95 23.95
C LEU C 162 2.56 5.85 24.91
N GLU C 163 1.60 4.98 25.22
CA GLU C 163 1.80 3.85 26.11
C GLU C 163 3.08 3.11 25.71
N VAL C 164 3.13 2.62 24.47
CA VAL C 164 4.30 1.91 23.94
C VAL C 164 5.61 2.72 24.02
N TYR C 165 5.54 4.04 23.82
CA TYR C 165 6.69 4.91 23.99
C TYR C 165 7.26 4.87 25.41
N ARG C 166 6.38 4.88 26.42
CA ARG C 166 6.80 4.83 27.84
C ARG C 166 7.47 3.50 28.18
N GLU C 167 6.84 2.38 27.80
CA GLU C 167 7.41 1.09 28.15
C GLU C 167 8.67 0.72 27.34
N GLN C 168 8.74 1.23 26.12
CA GLN C 168 9.93 1.08 25.28
C GLN C 168 11.12 1.92 25.78
N THR C 169 10.87 3.19 26.11
CA THR C 169 11.92 4.13 26.49
C THR C 169 12.45 4.00 27.93
N ALA C 170 11.61 3.59 28.89
CA ALA C 170 12.02 3.42 30.30
C ALA C 170 13.43 2.83 30.56
N PRO C 171 13.74 1.66 29.96
CA PRO C 171 15.11 1.12 30.05
C PRO C 171 16.20 2.07 29.55
N LEU C 172 15.93 2.79 28.47
CA LEU C 172 16.90 3.70 27.88
C LEU C 172 17.15 4.92 28.75
N ILE C 173 16.13 5.33 29.48
CA ILE C 173 16.27 6.38 30.47
C ILE C 173 17.11 5.86 31.65
N GLU C 174 16.84 4.63 32.08
CA GLU C 174 17.60 3.97 33.15
C GLU C 174 19.10 3.88 32.80
N TYR C 175 19.40 3.61 31.52
CA TYR C 175 20.75 3.44 31.02
C TYR C 175 21.56 4.73 31.07
N TYR C 176 20.94 5.83 30.65
CA TYR C 176 21.62 7.13 30.61
C TYR C 176 21.57 7.88 31.95
N LYS C 177 20.70 7.46 32.85
CA LYS C 177 20.65 8.04 34.21
C LYS C 177 21.76 7.43 35.06
N LYS C 178 21.96 6.11 34.93
CA LYS C 178 23.15 5.45 35.46
C LYS C 178 24.36 5.82 34.60
N LYS C 179 24.71 7.11 34.61
CA LYS C 179 25.78 7.65 33.78
C LYS C 179 25.91 9.14 33.99
N GLY C 180 24.86 9.73 34.55
CA GLY C 180 24.81 11.16 34.80
C GLY C 180 24.97 11.98 33.54
N ILE C 181 24.21 11.62 32.51
CA ILE C 181 24.19 12.40 31.27
C ILE C 181 22.78 12.77 30.86
N LEU C 182 21.79 12.18 31.52
CA LEU C 182 20.39 12.46 31.24
C LEU C 182 20.04 13.87 31.66
N ARG C 183 19.67 14.70 30.70
CA ARG C 183 19.18 16.06 30.96
C ARG C 183 17.67 16.15 30.70
N ILE C 184 16.92 16.56 31.71
CA ILE C 184 15.45 16.65 31.61
C ILE C 184 15.02 18.04 31.10
N ILE C 185 14.35 18.06 29.96
CA ILE C 185 13.81 19.29 29.41
C ILE C 185 12.30 19.31 29.58
N ASP C 186 11.76 20.46 29.98
CA ASP C 186 10.31 20.63 30.12
C ASP C 186 9.71 21.09 28.79
N ALA C 187 9.27 20.11 28.00
CA ALA C 187 8.75 20.34 26.64
C ALA C 187 7.34 20.93 26.59
N SER C 188 6.69 21.04 27.75
CA SER C 188 5.35 21.64 27.83
C SER C 188 5.39 23.16 27.67
N LYS C 189 6.54 23.76 27.95
CA LYS C 189 6.75 25.20 27.76
C LYS C 189 6.59 25.56 26.28
N PRO C 190 6.15 26.81 25.98
CA PRO C 190 6.14 27.29 24.59
C PRO C 190 7.51 27.11 23.93
N VAL C 191 7.48 26.97 22.61
CA VAL C 191 8.65 26.56 21.83
C VAL C 191 9.93 27.36 22.16
N GLU C 192 9.78 28.66 22.38
CA GLU C 192 10.93 29.52 22.62
C GLU C 192 11.65 29.25 23.94
N GLU C 193 10.88 28.90 24.97
CA GLU C 193 11.40 28.57 26.28
C GLU C 193 12.20 27.27 26.21
N VAL C 194 11.66 26.28 25.52
CA VAL C 194 12.30 24.97 25.44
C VAL C 194 13.62 25.01 24.67
N TYR C 195 13.73 25.90 23.69
CA TYR C 195 15.00 26.10 22.98
C TYR C 195 16.05 26.74 23.89
N ARG C 196 15.60 27.62 24.77
CA ARG C 196 16.45 28.25 25.77
C ARG C 196 17.01 27.18 26.71
N GLN C 197 16.14 26.30 27.21
CA GLN C 197 16.52 25.20 28.10
C GLN C 197 17.66 24.37 27.52
N VAL C 198 17.60 24.12 26.21
CA VAL C 198 18.63 23.35 25.50
C VAL C 198 19.99 24.05 25.55
N LEU C 199 20.03 25.32 25.12
CA LEU C 199 21.26 26.11 25.13
C LEU C 199 21.89 26.19 26.51
N GLU C 200 21.07 25.99 27.54
CA GLU C 200 21.50 26.03 28.93
C GLU C 200 22.31 24.79 29.33
N VAL C 201 21.79 23.60 29.06
CA VAL C 201 22.51 22.35 29.39
C VAL C 201 23.79 22.17 28.57
N ILE C 202 23.78 22.69 27.34
CA ILE C 202 24.93 22.63 26.45
C ILE C 202 25.83 23.87 26.55
#